data_5XHP
#
_entry.id   5XHP
#
_cell.length_a   50.116
_cell.length_b   50.116
_cell.length_c   201.704
_cell.angle_alpha   90.00
_cell.angle_beta   90.00
_cell.angle_gamma   120.00
#
_symmetry.space_group_name_H-M   'P 32'
#
loop_
_entity.id
_entity.type
_entity.pdbx_description
1 polymer 'Putative cytoplasmic protein'
2 non-polymer ARGININE
3 non-polymer 'MANGANESE (II) ION'
4 non-polymer "URIDINE-5'-DIPHOSPHATE"
#
_entity_poly.entity_id   1
_entity_poly.type   'polypeptide(L)'
_entity_poly.pdbx_seq_one_letter_code
;MARFNAAFTRIKIMFSRIRGLISCQSNTQTIAPTLSPPSSGHVSFAGIDYPLLPLNHQTPLVFQWFERNPDRFGQNEIPI
INTQKNPYLNNIINAAIIEKERIIGIFVDGDFSKGQRKALGKLEQNYRNIKVIYNSDLNYSMYDKKLTTIYLENITKLEA
QSASERDEVLLNGVKKSLEDVLKNNPEETLISSHNKDKGHLWFDFYRNLFLLKGSDAFLEAGKPGCHHLQPGGGCIYLDA
DMLLTDKLGTLYLPDGIAIHVSRKDNHVSLENGIIAVNRSEHPALIKGLEIMHSKPYGDPYNDWLSKGLRHYFDGSHIQD
YDAFCDFIEFKHENIIMNTSSLTASSWR
;
_entity_poly.pdbx_strand_id   F,E
#
loop_
_chem_comp.id
_chem_comp.type
_chem_comp.name
_chem_comp.formula
MN non-polymer 'MANGANESE (II) ION' 'Mn 2'
UDP RNA linking URIDINE-5'-DIPHOSPHATE 'C9 H14 N2 O12 P2'
#
# COMPACT_ATOMS: atom_id res chain seq x y z
N SER A 40 0.36 6.50 -9.62
CA SER A 40 -0.87 6.79 -10.41
C SER A 40 -1.90 5.66 -10.27
N GLY A 41 -2.92 5.70 -11.13
CA GLY A 41 -3.95 4.67 -11.24
C GLY A 41 -3.87 3.77 -12.46
N HIS A 42 -3.01 4.10 -13.43
CA HIS A 42 -2.82 3.30 -14.66
C HIS A 42 -1.58 3.78 -15.45
N VAL A 43 -1.31 3.11 -16.56
CA VAL A 43 -0.34 3.56 -17.56
C VAL A 43 -0.73 2.99 -18.92
N SER A 44 -0.44 3.73 -19.98
CA SER A 44 -0.84 3.38 -21.33
C SER A 44 0.38 2.98 -22.17
N PHE A 45 0.22 1.96 -23.01
CA PHE A 45 1.31 1.44 -23.82
C PHE A 45 0.73 1.04 -25.18
N ALA A 46 1.40 1.49 -26.24
CA ALA A 46 1.01 1.21 -27.63
C ALA A 46 -0.34 1.84 -28.00
N GLY A 47 -0.76 2.86 -27.24
CA GLY A 47 -2.11 3.40 -27.35
C GLY A 47 -3.20 2.67 -26.59
N ILE A 48 -2.91 1.44 -26.12
CA ILE A 48 -3.80 0.63 -25.27
C ILE A 48 -3.53 1.03 -23.80
N ASP A 49 -4.59 1.03 -22.99
CA ASP A 49 -4.55 1.46 -21.59
C ASP A 49 -4.52 0.29 -20.61
N TYR A 50 -3.75 0.45 -19.53
CA TYR A 50 -3.45 -0.63 -18.58
C TYR A 50 -3.54 -0.15 -17.13
N PRO A 51 -4.56 -0.64 -16.38
CA PRO A 51 -4.75 -0.19 -15.00
C PRO A 51 -3.72 -0.75 -14.06
N LEU A 52 -3.44 -0.04 -12.98
CA LEU A 52 -2.53 -0.54 -11.95
C LEU A 52 -3.22 -1.50 -10.99
N LEU A 53 -2.67 -2.72 -10.88
CA LEU A 53 -3.28 -3.81 -10.09
C LEU A 53 -2.51 -4.11 -8.78
N PRO A 54 -3.24 -4.30 -7.65
CA PRO A 54 -2.59 -4.48 -6.35
C PRO A 54 -1.99 -5.87 -6.15
N LEU A 55 -0.78 -5.88 -5.57
CA LEU A 55 -0.13 -7.08 -5.01
C LEU A 55 0.20 -6.74 -3.56
N ASN A 56 -0.70 -7.13 -2.66
CA ASN A 56 -0.54 -6.75 -1.26
C ASN A 56 0.22 -7.81 -0.46
N HIS A 57 0.49 -7.47 0.79
CA HIS A 57 1.49 -8.14 1.63
C HIS A 57 1.23 -9.60 1.93
N GLN A 58 0.07 -10.10 1.52
CA GLN A 58 -0.17 -11.56 1.48
C GLN A 58 0.75 -12.23 0.46
N THR A 59 1.12 -11.49 -0.58
CA THR A 59 1.70 -12.05 -1.78
C THR A 59 3.10 -12.56 -1.48
N PRO A 60 3.30 -13.88 -1.59
CA PRO A 60 4.56 -14.46 -1.17
C PRO A 60 5.75 -14.08 -2.03
N LEU A 61 6.90 -13.93 -1.39
CA LEU A 61 8.16 -13.83 -2.10
C LEU A 61 8.53 -15.24 -2.48
N VAL A 62 9.05 -15.40 -3.68
CA VAL A 62 9.54 -16.68 -4.11
C VAL A 62 11.01 -16.53 -4.38
N PHE A 63 11.77 -17.50 -3.90
CA PHE A 63 13.16 -17.68 -4.25
C PHE A 63 13.19 -19.03 -4.91
N GLN A 64 14.35 -19.38 -5.46
CA GLN A 64 14.52 -20.66 -6.12
C GLN A 64 15.94 -21.11 -5.96
N TRP A 65 16.12 -22.41 -5.78
CA TRP A 65 17.44 -23.00 -5.89
C TRP A 65 17.32 -24.39 -6.47
N PHE A 66 17.84 -24.54 -7.68
CA PHE A 66 17.94 -25.80 -8.37
C PHE A 66 19.40 -26.15 -8.28
N GLU A 67 19.71 -27.17 -7.49
CA GLU A 67 21.07 -27.42 -7.18
C GLU A 67 21.47 -28.54 -8.03
N ARG A 68 22.45 -28.22 -8.84
CA ARG A 68 22.99 -29.09 -9.83
C ARG A 68 23.62 -30.29 -9.12
N ASN A 69 24.36 -30.04 -8.04
CA ASN A 69 24.93 -31.12 -7.28
C ASN A 69 24.67 -30.92 -5.82
N PRO A 70 23.92 -31.84 -5.23
CA PRO A 70 23.68 -31.98 -3.80
C PRO A 70 24.82 -32.54 -2.94
N ASP A 71 25.71 -33.34 -3.53
CA ASP A 71 26.74 -34.07 -2.76
C ASP A 71 27.98 -33.25 -2.37
N ARG A 72 28.17 -32.09 -3.00
CA ARG A 72 29.11 -31.08 -2.49
C ARG A 72 28.60 -30.39 -1.23
N PHE A 73 27.36 -30.67 -0.84
CA PHE A 73 26.85 -30.27 0.46
C PHE A 73 26.98 -31.43 1.46
N GLY A 74 27.01 -31.07 2.73
CA GLY A 74 26.78 -32.02 3.80
C GLY A 74 25.35 -32.56 3.71
N GLN A 75 25.17 -33.83 4.03
CA GLN A 75 23.87 -34.51 3.87
C GLN A 75 22.88 -34.08 4.94
N ASN A 76 23.43 -33.49 5.99
CA ASN A 76 22.66 -32.68 6.93
C ASN A 76 23.22 -31.26 6.94
N GLU A 77 23.03 -30.61 5.80
CA GLU A 77 23.35 -29.21 5.56
C GLU A 77 22.19 -28.78 4.70
N ILE A 78 21.78 -27.51 4.74
CA ILE A 78 20.66 -27.10 3.88
C ILE A 78 21.24 -26.92 2.51
N PRO A 79 20.75 -27.70 1.56
CA PRO A 79 21.42 -27.80 0.28
C PRO A 79 21.18 -26.57 -0.53
N ILE A 80 21.43 -25.44 0.09
CA ILE A 80 21.31 -24.17 -0.54
C ILE A 80 22.56 -23.42 -0.24
N ILE A 81 23.09 -22.82 -1.29
CA ILE A 81 24.43 -22.27 -1.27
C ILE A 81 24.50 -21.00 -0.42
N ASN A 82 25.43 -20.97 0.51
CA ASN A 82 25.67 -19.78 1.33
C ASN A 82 27.17 -19.51 1.44
N THR A 83 27.76 -18.92 0.42
CA THR A 83 29.20 -18.73 0.38
C THR A 83 29.56 -17.28 0.23
N GLN A 84 30.83 -16.96 0.39
CA GLN A 84 31.23 -15.56 0.46
C GLN A 84 30.80 -14.74 -0.74
N LYS A 85 31.06 -15.24 -1.94
CA LYS A 85 30.68 -14.53 -3.16
C LYS A 85 29.17 -14.46 -3.31
N ASN A 86 28.49 -15.52 -2.96
CA ASN A 86 27.04 -15.56 -2.90
C ASN A 86 26.66 -16.38 -1.70
N PRO A 87 26.32 -15.74 -0.58
CA PRO A 87 25.83 -16.51 0.55
C PRO A 87 24.34 -16.60 0.51
N TYR A 88 23.83 -17.34 -0.45
CA TYR A 88 22.44 -17.21 -0.81
C TYR A 88 21.46 -17.59 0.28
N LEU A 89 21.82 -18.58 1.04
CA LEU A 89 21.04 -18.99 2.20
C LEU A 89 20.89 -17.89 3.26
N ASN A 90 21.84 -16.95 3.34
CA ASN A 90 21.72 -15.80 4.20
C ASN A 90 20.74 -14.76 3.59
N ASN A 91 20.76 -14.60 2.26
CA ASN A 91 19.92 -13.57 1.60
C ASN A 91 18.43 -13.89 1.60
N ILE A 92 18.07 -15.13 1.83
CA ILE A 92 16.68 -15.54 1.87
C ILE A 92 16.11 -15.46 3.29
N ILE A 93 16.92 -15.84 4.28
CA ILE A 93 16.51 -15.75 5.67
C ILE A 93 16.29 -14.30 6.04
N ASN A 94 17.28 -13.47 5.73
CA ASN A 94 17.17 -12.04 6.04
C ASN A 94 15.98 -11.42 5.33
N ALA A 95 15.70 -11.88 4.11
CA ALA A 95 14.47 -11.52 3.42
C ALA A 95 13.27 -11.89 4.27
N ALA A 96 13.22 -13.17 4.66
CA ALA A 96 12.10 -13.69 5.46
C ALA A 96 11.96 -12.98 6.80
N ILE A 97 13.08 -12.58 7.40
CA ILE A 97 13.06 -11.84 8.65
C ILE A 97 12.48 -10.44 8.43
N ILE A 98 12.94 -9.74 7.39
CA ILE A 98 12.42 -8.41 7.06
C ILE A 98 10.90 -8.43 6.76
N GLU A 99 10.38 -9.63 6.42
CA GLU A 99 8.95 -9.85 6.09
C GLU A 99 8.33 -11.04 6.84
N LYS A 100 8.23 -10.95 8.15
CA LYS A 100 7.80 -12.09 8.94
C LYS A 100 6.34 -12.44 8.73
N GLU A 101 5.59 -11.46 8.24
CA GLU A 101 4.16 -11.60 8.05
C GLU A 101 3.76 -11.54 6.57
N ARG A 102 4.65 -12.01 5.70
CA ARG A 102 4.31 -12.36 4.33
C ARG A 102 4.88 -13.73 4.14
N ILE A 103 4.25 -14.57 3.34
CA ILE A 103 4.78 -15.92 3.08
C ILE A 103 5.99 -15.83 2.17
N ILE A 104 6.93 -16.74 2.38
CA ILE A 104 8.17 -16.81 1.60
C ILE A 104 8.29 -18.26 1.13
N GLY A 105 8.37 -18.45 -0.17
CA GLY A 105 8.55 -19.77 -0.77
C GLY A 105 9.99 -19.98 -1.20
N ILE A 106 10.50 -21.21 -1.00
CA ILE A 106 11.79 -21.61 -1.52
C ILE A 106 11.57 -22.79 -2.47
N PHE A 107 11.62 -22.47 -3.76
CA PHE A 107 11.37 -23.37 -4.85
C PHE A 107 12.65 -24.13 -5.13
N VAL A 108 12.67 -25.39 -4.73
CA VAL A 108 13.88 -26.21 -4.73
C VAL A 108 13.70 -27.41 -5.66
N ASP A 109 14.83 -27.98 -6.09
CA ASP A 109 14.85 -29.16 -6.96
C ASP A 109 16.27 -29.71 -7.10
N GLY A 110 16.40 -31.02 -6.96
CA GLY A 110 17.69 -31.69 -6.96
C GLY A 110 17.55 -33.03 -6.27
N ASP A 111 18.42 -33.98 -6.61
CA ASP A 111 18.31 -35.30 -6.01
C ASP A 111 18.82 -35.28 -4.55
N PHE A 112 17.89 -34.97 -3.64
CA PHE A 112 18.22 -34.59 -2.27
C PHE A 112 18.19 -35.76 -1.29
N SER A 113 19.25 -35.86 -0.47
CA SER A 113 19.32 -36.85 0.60
C SER A 113 18.26 -36.59 1.66
N LYS A 114 17.81 -37.65 2.31
CA LYS A 114 16.81 -37.54 3.39
C LYS A 114 17.19 -36.50 4.42
N GLY A 115 18.45 -36.53 4.84
CA GLY A 115 18.96 -35.56 5.79
C GLY A 115 18.97 -34.13 5.28
N GLN A 116 19.21 -33.96 3.98
CA GLN A 116 19.19 -32.64 3.36
C GLN A 116 17.78 -32.08 3.26
N ARG A 117 16.80 -32.95 3.03
CA ARG A 117 15.37 -32.56 3.09
C ARG A 117 14.93 -32.12 4.51
N LYS A 118 15.55 -32.67 5.55
CA LYS A 118 15.27 -32.30 6.94
C LYS A 118 16.11 -31.14 7.46
N ALA A 119 17.19 -30.82 6.78
CA ALA A 119 17.84 -29.54 6.97
C ALA A 119 16.81 -28.46 6.63
N LEU A 120 16.18 -28.58 5.46
CA LEU A 120 15.07 -27.68 5.10
C LEU A 120 13.95 -27.74 6.10
N GLY A 121 13.69 -28.93 6.63
CA GLY A 121 12.62 -29.16 7.60
C GLY A 121 12.80 -28.35 8.88
N LYS A 122 14.01 -28.42 9.41
CA LYS A 122 14.42 -27.56 10.53
C LYS A 122 14.23 -26.09 10.13
N LEU A 123 14.67 -25.75 8.91
CA LEU A 123 14.54 -24.40 8.34
C LEU A 123 13.10 -23.91 8.32
N GLU A 124 12.17 -24.81 8.04
CA GLU A 124 10.74 -24.46 8.04
C GLU A 124 10.13 -24.27 9.42
N GLN A 125 10.55 -25.04 10.42
CA GLN A 125 10.02 -24.81 11.78
C GLN A 125 10.80 -23.72 12.49
N ASN A 126 12.12 -23.68 12.32
CA ASN A 126 12.92 -22.57 12.88
C ASN A 126 12.56 -21.18 12.31
N TYR A 127 11.98 -21.16 11.10
CA TYR A 127 11.30 -19.95 10.59
C TYR A 127 10.06 -20.40 9.81
N ARG A 128 8.87 -20.05 10.31
CA ARG A 128 7.60 -20.66 9.85
C ARG A 128 6.78 -19.78 8.90
N ASN A 129 7.39 -18.74 8.34
CA ASN A 129 6.89 -18.11 7.09
C ASN A 129 7.54 -18.73 5.82
N ILE A 130 8.74 -19.29 6.01
CA ILE A 130 9.45 -20.03 4.97
C ILE A 130 8.73 -21.35 4.67
N LYS A 131 8.54 -21.62 3.39
CA LYS A 131 7.86 -22.80 2.90
C LYS A 131 8.72 -23.39 1.78
N VAL A 132 9.29 -24.57 2.03
CA VAL A 132 10.13 -25.23 1.05
C VAL A 132 9.18 -26.01 0.15
N ILE A 133 9.38 -25.89 -1.17
CA ILE A 133 8.51 -26.52 -2.17
C ILE A 133 9.34 -27.31 -3.19
N TYR A 134 9.10 -28.61 -3.30
CA TYR A 134 9.89 -29.48 -4.19
C TYR A 134 9.24 -29.46 -5.56
N ASN A 135 10.04 -29.22 -6.59
CA ASN A 135 9.59 -29.25 -7.98
C ASN A 135 8.78 -30.52 -8.35
N SER A 136 9.25 -31.68 -7.90
CA SER A 136 8.58 -32.95 -8.20
C SER A 136 7.19 -33.05 -7.53
N ASP A 137 6.94 -32.27 -6.48
CA ASP A 137 5.61 -32.25 -5.81
C ASP A 137 4.54 -31.44 -6.58
N LEU A 138 4.92 -30.82 -7.70
CA LEU A 138 3.97 -30.13 -8.59
C LEU A 138 3.82 -30.84 -9.92
N ASN A 139 2.58 -30.89 -10.41
CA ASN A 139 2.23 -31.54 -11.68
C ASN A 139 2.08 -30.45 -12.72
N TYR A 140 2.90 -30.53 -13.76
CA TYR A 140 2.89 -29.55 -14.84
C TYR A 140 2.34 -30.10 -16.16
N SER A 141 1.62 -31.24 -16.10
CA SER A 141 1.16 -31.95 -17.32
C SER A 141 0.23 -31.12 -18.22
N MET A 142 -0.49 -30.17 -17.62
CA MET A 142 -1.43 -29.32 -18.35
C MET A 142 -0.76 -28.21 -19.17
N TYR A 143 0.55 -28.03 -18.97
CA TYR A 143 1.33 -27.01 -19.67
C TYR A 143 2.39 -27.65 -20.57
N ASP A 144 2.31 -28.97 -20.77
CA ASP A 144 3.42 -29.72 -21.36
C ASP A 144 3.22 -30.03 -22.87
N LYS A 145 4.28 -30.52 -23.50
CA LYS A 145 4.21 -30.95 -24.88
C LYS A 145 5.36 -31.88 -25.29
N LYS A 146 5.08 -32.73 -26.27
CA LYS A 146 6.04 -33.73 -26.74
C LYS A 146 6.80 -33.16 -27.92
N LEU A 147 8.12 -33.37 -27.94
CA LEU A 147 8.97 -32.76 -28.97
C LEU A 147 8.73 -33.40 -30.32
N THR A 148 8.41 -34.69 -30.32
CA THR A 148 7.82 -35.38 -31.48
C THR A 148 6.72 -34.51 -32.06
N THR A 149 5.74 -34.18 -31.22
CA THR A 149 4.65 -33.33 -31.68
C THR A 149 5.23 -32.00 -32.19
N ILE A 150 6.06 -31.36 -31.38
CA ILE A 150 6.49 -29.98 -31.66
C ILE A 150 7.31 -29.92 -32.93
N TYR A 151 8.23 -30.86 -33.12
CA TYR A 151 9.05 -30.93 -34.33
C TYR A 151 8.24 -31.20 -35.62
N LEU A 152 7.51 -32.30 -35.60
CA LEU A 152 6.69 -32.73 -36.73
C LEU A 152 5.71 -31.61 -37.20
N GLU A 153 5.25 -30.80 -36.24
CA GLU A 153 4.50 -29.59 -36.54
C GLU A 153 5.27 -28.69 -37.48
N ASN A 154 6.49 -28.33 -37.08
CA ASN A 154 7.30 -27.42 -37.88
C ASN A 154 7.74 -28.05 -39.19
N ILE A 155 8.10 -29.34 -39.16
CA ILE A 155 8.41 -30.07 -40.38
C ILE A 155 7.29 -29.88 -41.40
N THR A 156 6.06 -30.08 -40.97
CA THR A 156 4.87 -29.86 -41.82
C THR A 156 4.72 -28.41 -42.29
N LYS A 157 4.89 -27.44 -41.39
CA LYS A 157 4.75 -26.02 -41.74
C LYS A 157 5.70 -25.66 -42.89
N LEU A 158 6.96 -26.04 -42.72
CA LEU A 158 8.03 -25.75 -43.69
C LEU A 158 7.78 -26.45 -45.03
N GLU A 159 7.50 -27.75 -44.98
CA GLU A 159 7.18 -28.53 -46.20
C GLU A 159 5.95 -28.00 -46.94
N ALA A 160 5.03 -27.40 -46.19
CA ALA A 160 3.86 -26.74 -46.77
C ALA A 160 4.12 -25.36 -47.42
N GLN A 161 5.35 -24.84 -47.30
CA GLN A 161 5.71 -23.57 -47.94
C GLN A 161 6.38 -23.78 -49.28
N SER A 162 6.35 -22.74 -50.10
CA SER A 162 7.04 -22.74 -51.38
C SER A 162 8.48 -23.14 -51.18
N ALA A 163 8.93 -24.10 -51.98
CA ALA A 163 10.34 -24.50 -51.98
C ALA A 163 11.27 -23.36 -52.37
N SER A 164 10.80 -22.46 -53.23
CA SER A 164 11.57 -21.28 -53.59
C SER A 164 11.60 -20.20 -52.48
N GLU A 165 10.83 -20.37 -51.42
CA GLU A 165 10.79 -19.43 -50.29
C GLU A 165 11.41 -19.96 -49.00
N ARG A 166 11.38 -21.28 -48.78
CA ARG A 166 11.40 -21.82 -47.42
C ARG A 166 12.79 -22.09 -46.88
N ASP A 167 12.84 -22.13 -45.55
CA ASP A 167 14.05 -22.27 -44.80
C ASP A 167 14.39 -23.77 -44.78
N GLU A 168 15.01 -24.23 -45.86
CA GLU A 168 15.47 -25.60 -45.95
C GLU A 168 16.56 -25.89 -44.92
N VAL A 169 17.38 -24.86 -44.64
CA VAL A 169 18.42 -24.93 -43.61
C VAL A 169 17.77 -25.35 -42.27
N LEU A 170 16.72 -24.62 -41.87
CA LEU A 170 15.89 -25.02 -40.73
C LEU A 170 15.12 -26.29 -41.01
N LEU A 171 14.54 -26.40 -42.21
CA LEU A 171 13.74 -27.59 -42.56
C LEU A 171 14.52 -28.88 -42.31
N ASN A 172 15.81 -28.88 -42.62
CA ASN A 172 16.65 -30.06 -42.40
C ASN A 172 17.24 -30.21 -40.99
N GLY A 173 17.17 -29.18 -40.16
CA GLY A 173 17.59 -29.27 -38.75
C GLY A 173 16.55 -29.88 -37.82
N VAL A 174 15.29 -29.49 -38.02
CA VAL A 174 14.19 -29.96 -37.18
C VAL A 174 13.96 -31.47 -37.44
N LYS A 175 14.25 -31.94 -38.66
CA LYS A 175 14.17 -33.37 -39.01
C LYS A 175 15.28 -34.22 -38.40
N LYS A 176 16.45 -33.63 -38.20
CA LYS A 176 17.53 -34.33 -37.51
C LYS A 176 17.30 -34.28 -36.00
N SER A 177 16.86 -33.13 -35.48
CA SER A 177 16.32 -33.06 -34.11
C SER A 177 15.27 -34.16 -33.94
N LEU A 178 14.38 -34.25 -34.92
CA LEU A 178 13.40 -35.32 -34.98
C LEU A 178 14.10 -36.68 -34.97
N GLU A 179 15.01 -36.87 -35.92
CA GLU A 179 15.79 -38.10 -36.05
C GLU A 179 16.45 -38.48 -34.71
N ASP A 180 16.96 -37.50 -33.98
CA ASP A 180 17.63 -37.75 -32.70
C ASP A 180 16.71 -38.04 -31.52
N VAL A 181 15.53 -37.41 -31.46
CA VAL A 181 14.58 -37.67 -30.36
C VAL A 181 13.95 -39.07 -30.44
N LEU A 182 13.59 -39.51 -31.65
CA LEU A 182 13.05 -40.86 -31.89
C LEU A 182 13.97 -41.92 -31.30
N LYS A 183 15.21 -41.92 -31.81
CA LYS A 183 16.28 -42.79 -31.35
C LYS A 183 16.51 -42.61 -29.86
N ASN A 184 16.49 -41.35 -29.38
CA ASN A 184 16.67 -41.06 -27.95
C ASN A 184 15.54 -41.66 -27.12
N ASN A 185 14.34 -41.10 -27.27
CA ASN A 185 13.20 -41.53 -26.48
C ASN A 185 11.91 -41.07 -27.13
N PRO A 186 11.04 -42.02 -27.54
CA PRO A 186 9.71 -41.63 -27.98
C PRO A 186 9.06 -40.49 -27.18
N GLU A 187 8.73 -40.74 -25.91
CA GLU A 187 7.89 -39.84 -25.11
C GLU A 187 8.74 -38.89 -24.26
N GLU A 188 9.48 -38.04 -24.96
CA GLU A 188 10.34 -37.00 -24.36
C GLU A 188 9.73 -35.64 -24.65
N THR A 189 9.49 -34.85 -23.60
CA THR A 189 8.71 -33.62 -23.74
C THR A 189 9.54 -32.37 -23.48
N LEU A 190 8.92 -31.21 -23.64
CA LEU A 190 9.56 -29.92 -23.30
C LEU A 190 10.05 -29.86 -21.89
N ILE A 191 9.17 -30.25 -20.98
CA ILE A 191 9.39 -30.11 -19.55
C ILE A 191 10.55 -31.02 -19.12
N SER A 192 10.56 -32.24 -19.63
CA SER A 192 11.61 -33.22 -19.32
C SER A 192 12.94 -32.80 -19.91
N SER A 193 12.89 -32.22 -21.08
CA SER A 193 14.08 -31.89 -21.81
C SER A 193 14.90 -30.93 -21.01
N HIS A 194 14.22 -29.92 -20.49
CA HIS A 194 14.90 -28.86 -19.82
C HIS A 194 15.26 -29.38 -18.45
N ASN A 195 16.22 -30.27 -18.43
CA ASN A 195 16.55 -30.93 -17.20
C ASN A 195 17.80 -30.36 -16.56
N LYS A 196 18.14 -30.94 -15.42
CA LYS A 196 19.25 -30.52 -14.62
C LYS A 196 20.51 -30.58 -15.43
N ASP A 197 20.54 -31.46 -16.40
CA ASP A 197 21.65 -31.49 -17.32
C ASP A 197 21.78 -30.22 -18.13
N LYS A 198 20.66 -29.56 -18.45
CA LYS A 198 20.67 -28.44 -19.38
C LYS A 198 20.91 -27.09 -18.71
N GLY A 199 21.58 -27.09 -17.58
CA GLY A 199 22.12 -25.86 -17.03
C GLY A 199 21.03 -24.90 -16.65
N HIS A 200 21.20 -23.63 -16.98
CA HIS A 200 20.26 -22.60 -16.52
C HIS A 200 18.86 -22.69 -17.14
N LEU A 201 18.72 -23.50 -18.18
CA LEU A 201 17.41 -23.85 -18.72
C LEU A 201 16.62 -24.73 -17.76
N TRP A 202 17.32 -25.56 -16.99
CA TRP A 202 16.68 -26.27 -15.88
C TRP A 202 15.79 -25.34 -15.04
N PHE A 203 16.39 -24.32 -14.44
CA PHE A 203 15.68 -23.49 -13.41
C PHE A 203 14.97 -22.25 -13.93
N ASP A 204 15.41 -21.71 -15.06
CA ASP A 204 14.70 -20.59 -15.66
C ASP A 204 13.43 -21.03 -16.37
N PHE A 205 13.40 -22.26 -16.90
CA PHE A 205 12.15 -22.84 -17.47
C PHE A 205 11.10 -23.07 -16.39
N TYR A 206 11.44 -23.87 -15.37
CA TYR A 206 10.50 -24.22 -14.29
C TYR A 206 10.05 -23.02 -13.48
N ARG A 207 10.89 -21.98 -13.46
CA ARG A 207 10.50 -20.74 -12.81
C ARG A 207 9.21 -20.28 -13.42
N ASN A 208 9.23 -20.11 -14.75
CA ASN A 208 8.08 -19.58 -15.49
C ASN A 208 6.82 -20.43 -15.28
N LEU A 209 6.99 -21.75 -15.28
CA LEU A 209 5.93 -22.67 -14.88
C LEU A 209 5.40 -22.34 -13.48
N PHE A 210 6.30 -22.21 -12.50
CA PHE A 210 5.89 -21.92 -11.11
C PHE A 210 4.94 -20.74 -11.06
N LEU A 211 5.35 -19.65 -11.68
CA LEU A 211 4.55 -18.43 -11.66
C LEU A 211 3.18 -18.61 -12.31
N LEU A 212 3.14 -19.41 -13.39
CA LEU A 212 1.86 -19.84 -13.97
C LEU A 212 0.93 -20.42 -12.91
N LYS A 213 1.47 -21.33 -12.09
CA LYS A 213 0.73 -21.88 -10.96
C LYS A 213 0.58 -20.91 -9.79
N GLY A 214 1.44 -19.90 -9.72
CA GLY A 214 1.32 -18.83 -8.73
C GLY A 214 1.18 -19.32 -7.27
N SER A 215 0.36 -18.61 -6.51
CA SER A 215 0.20 -18.85 -5.07
C SER A 215 -0.57 -20.13 -4.76
N ASP A 216 -1.38 -20.61 -5.71
CA ASP A 216 -2.12 -21.88 -5.54
C ASP A 216 -1.22 -23.11 -5.45
N ALA A 217 0.08 -22.94 -5.74
CA ALA A 217 1.08 -24.01 -5.62
C ALA A 217 1.55 -24.31 -4.20
N PHE A 218 1.39 -23.34 -3.29
CA PHE A 218 1.62 -23.60 -1.87
C PHE A 218 0.60 -24.64 -1.41
N LEU A 219 -0.61 -24.53 -1.94
CA LEU A 219 -1.68 -25.46 -1.65
C LEU A 219 -1.42 -26.81 -2.33
N GLU A 220 -0.98 -26.80 -3.57
CA GLU A 220 -0.83 -28.03 -4.34
C GLU A 220 0.23 -29.04 -3.81
N ALA A 221 1.31 -28.55 -3.19
CA ALA A 221 2.28 -29.42 -2.47
C ALA A 221 1.81 -29.76 -1.06
N GLY A 222 0.91 -28.95 -0.52
CA GLY A 222 0.27 -29.17 0.78
C GLY A 222 0.83 -28.37 1.95
N LYS A 223 1.52 -27.26 1.65
CA LYS A 223 2.33 -26.56 2.65
C LYS A 223 1.47 -25.90 3.76
N PRO A 224 1.88 -26.08 5.05
CA PRO A 224 1.08 -25.59 6.19
C PRO A 224 0.93 -24.08 6.25
N GLY A 225 0.00 -23.63 7.09
CA GLY A 225 -0.27 -22.21 7.33
C GLY A 225 -0.20 -21.32 6.11
N CYS A 226 -0.81 -21.77 5.01
CA CYS A 226 -0.92 -21.01 3.76
C CYS A 226 -2.38 -20.76 3.31
N HIS A 227 -3.34 -21.19 4.12
CA HIS A 227 -4.77 -20.76 4.02
C HIS A 227 -4.98 -19.26 3.79
N HIS A 228 -4.09 -18.43 4.32
CA HIS A 228 -4.12 -16.98 4.09
C HIS A 228 -3.86 -16.48 2.64
N LEU A 229 -3.39 -17.37 1.76
CA LEU A 229 -3.20 -17.03 0.34
C LEU A 229 -4.50 -17.04 -0.45
N GLN A 230 -4.65 -16.03 -1.30
CA GLN A 230 -5.85 -15.89 -2.09
C GLN A 230 -5.76 -16.80 -3.30
N PRO A 231 -6.92 -17.25 -3.79
CA PRO A 231 -6.95 -18.19 -4.91
C PRO A 231 -6.59 -17.56 -6.26
N GLY A 232 -6.04 -18.40 -7.15
CA GLY A 232 -5.44 -17.94 -8.39
C GLY A 232 -4.65 -16.67 -8.18
N GLY A 233 -3.88 -16.63 -7.09
CA GLY A 233 -3.21 -15.44 -6.64
C GLY A 233 -1.78 -15.45 -7.13
N GLY A 234 -1.18 -14.27 -7.17
CA GLY A 234 0.11 -14.09 -7.78
C GLY A 234 1.27 -14.52 -6.88
N CYS A 235 2.47 -14.08 -7.24
CA CYS A 235 3.67 -14.25 -6.40
C CYS A 235 4.74 -13.26 -6.85
N ILE A 236 5.88 -13.29 -6.16
CA ILE A 236 7.04 -12.48 -6.52
C ILE A 236 8.34 -13.25 -6.46
N TYR A 237 8.80 -13.76 -7.59
CA TYR A 237 10.06 -14.49 -7.60
C TYR A 237 11.22 -13.54 -7.33
N LEU A 238 12.26 -14.05 -6.71
CA LEU A 238 13.45 -13.27 -6.52
C LEU A 238 14.68 -14.10 -6.75
N ASP A 239 15.66 -13.51 -7.42
CA ASP A 239 16.96 -14.13 -7.50
C ASP A 239 17.42 -14.13 -6.07
N ALA A 240 18.16 -15.13 -5.64
CA ALA A 240 18.52 -15.22 -4.23
C ALA A 240 19.33 -14.01 -3.83
N ASP A 241 19.92 -13.36 -4.84
CA ASP A 241 20.80 -12.22 -4.64
C ASP A 241 20.16 -10.83 -4.66
N MET A 242 18.87 -10.71 -4.90
CA MET A 242 18.21 -9.39 -4.82
C MET A 242 17.87 -9.21 -3.34
N LEU A 243 18.40 -8.16 -2.72
CA LEU A 243 18.44 -8.08 -1.26
C LEU A 243 17.34 -7.27 -0.65
N LEU A 244 16.52 -7.86 0.20
CA LEU A 244 15.54 -7.08 0.90
C LEU A 244 16.29 -6.30 1.93
N THR A 245 15.87 -5.08 2.10
CA THR A 245 16.54 -4.17 3.00
C THR A 245 15.63 -3.69 4.09
N ASP A 246 14.36 -3.68 3.74
CA ASP A 246 13.36 -2.95 4.39
C ASP A 246 12.12 -3.57 3.77
N LYS A 247 10.96 -3.25 4.27
CA LYS A 247 9.75 -3.87 3.82
C LYS A 247 9.39 -3.43 2.42
N LEU A 248 8.89 -4.36 1.63
CA LEU A 248 8.47 -4.03 0.25
C LEU A 248 7.14 -3.32 0.20
N GLY A 249 6.16 -3.78 0.97
CA GLY A 249 4.82 -3.19 0.94
C GLY A 249 3.93 -3.75 -0.15
N THR A 250 2.98 -2.93 -0.59
CA THR A 250 1.92 -3.29 -1.53
C THR A 250 2.21 -2.79 -2.94
N LEU A 251 2.48 -3.71 -3.85
CA LEU A 251 2.99 -3.35 -5.15
C LEU A 251 1.84 -3.08 -6.13
N TYR A 252 2.09 -2.15 -7.04
CA TYR A 252 1.18 -1.89 -8.17
C TYR A 252 1.91 -1.98 -9.52
N LEU A 253 1.22 -2.59 -10.48
CA LEU A 253 1.84 -3.02 -11.73
C LEU A 253 0.94 -2.69 -12.92
N PRO A 254 1.51 -2.63 -14.14
CA PRO A 254 0.67 -2.51 -15.34
C PRO A 254 0.07 -3.88 -15.70
N ASP A 255 -1.23 -4.03 -15.52
CA ASP A 255 -1.90 -5.34 -15.61
C ASP A 255 -1.44 -6.40 -14.57
N GLY A 256 -0.69 -5.98 -13.56
CA GLY A 256 -0.29 -6.90 -12.50
C GLY A 256 0.88 -7.76 -12.89
N ILE A 257 1.84 -7.18 -13.64
CA ILE A 257 3.07 -7.90 -13.98
C ILE A 257 4.24 -6.94 -14.20
N ALA A 258 5.37 -7.33 -13.64
CA ALA A 258 6.61 -6.61 -13.82
C ALA A 258 7.79 -7.53 -13.75
N ILE A 259 8.84 -7.19 -14.50
CA ILE A 259 10.09 -7.93 -14.39
C ILE A 259 11.33 -7.06 -14.31
N HIS A 260 12.39 -7.64 -13.80
CA HIS A 260 13.63 -6.96 -13.64
C HIS A 260 14.07 -6.44 -14.96
N VAL A 261 14.65 -5.25 -14.97
CA VAL A 261 15.30 -4.76 -16.15
C VAL A 261 16.72 -4.33 -15.83
N SER A 262 17.64 -4.87 -16.60
CA SER A 262 19.03 -4.57 -16.46
C SER A 262 19.19 -3.19 -17.05
N ARG A 263 20.15 -2.41 -16.57
CA ARG A 263 20.47 -1.13 -17.16
C ARG A 263 21.98 -0.84 -17.11
N LYS A 264 22.79 -1.49 -17.92
CA LYS A 264 24.21 -1.28 -17.78
C LYS A 264 24.96 -1.04 -19.06
N ASP A 265 25.91 -0.13 -19.05
CA ASP A 265 25.80 1.21 -18.55
C ASP A 265 24.82 1.90 -19.48
N ASN A 266 25.00 1.58 -20.75
CA ASN A 266 24.31 2.15 -21.86
C ASN A 266 23.34 1.12 -22.38
N HIS A 267 22.98 0.16 -21.55
CA HIS A 267 22.17 -0.95 -22.02
C HIS A 267 21.01 -1.25 -21.11
N VAL A 268 19.91 -1.64 -21.73
CA VAL A 268 18.78 -2.10 -20.97
C VAL A 268 18.32 -3.43 -21.51
N SER A 269 17.91 -4.29 -20.61
CA SER A 269 17.47 -5.59 -20.97
C SER A 269 16.40 -5.89 -20.01
N LEU A 270 15.71 -6.96 -20.27
CA LEU A 270 14.66 -7.42 -19.39
C LEU A 270 15.27 -8.64 -18.79
N GLU A 271 15.02 -8.86 -17.52
CA GLU A 271 15.76 -9.90 -16.82
C GLU A 271 14.86 -10.84 -16.04
N ASN A 272 15.34 -12.04 -15.80
CA ASN A 272 14.54 -13.02 -15.06
C ASN A 272 14.86 -12.93 -13.57
N GLY A 273 15.70 -11.98 -13.21
CA GLY A 273 16.09 -11.75 -11.87
C GLY A 273 14.99 -11.40 -10.95
N ILE A 274 14.02 -10.65 -11.44
CA ILE A 274 12.77 -10.42 -10.72
C ILE A 274 11.62 -10.83 -11.61
N ILE A 275 10.68 -11.59 -11.07
CA ILE A 275 9.40 -11.74 -11.72
C ILE A 275 8.22 -11.69 -10.75
N ALA A 276 7.25 -10.82 -11.02
CA ALA A 276 6.12 -10.60 -10.11
C ALA A 276 4.82 -10.50 -10.89
N VAL A 277 3.90 -11.42 -10.63
CA VAL A 277 2.56 -11.41 -11.23
C VAL A 277 1.49 -11.31 -10.15
N ASN A 278 0.28 -10.90 -10.54
CA ASN A 278 -0.85 -10.71 -9.60
C ASN A 278 -1.85 -11.87 -9.55
N ARG A 279 -1.59 -12.94 -10.31
CA ARG A 279 -2.53 -14.05 -10.43
C ARG A 279 -1.92 -15.28 -11.10
N SER A 280 -2.64 -16.40 -10.97
CA SER A 280 -2.21 -17.65 -11.54
C SER A 280 -2.49 -17.60 -13.03
N GLU A 281 -1.55 -18.11 -13.83
CA GLU A 281 -1.69 -18.14 -15.28
C GLU A 281 -1.94 -16.77 -15.90
N HIS A 282 -1.02 -15.85 -15.67
CA HIS A 282 -1.10 -14.53 -16.30
C HIS A 282 -0.98 -14.71 -17.83
N PRO A 283 -1.83 -14.01 -18.63
CA PRO A 283 -1.76 -14.07 -20.09
C PRO A 283 -0.37 -13.86 -20.75
N ALA A 284 0.28 -12.70 -20.55
CA ALA A 284 1.64 -12.43 -21.07
C ALA A 284 2.63 -13.60 -20.98
N LEU A 285 2.56 -14.38 -19.91
CA LEU A 285 3.42 -15.58 -19.73
C LEU A 285 2.78 -16.77 -20.43
N ILE A 286 1.45 -16.82 -20.40
CA ILE A 286 0.67 -17.79 -21.16
C ILE A 286 1.03 -17.74 -22.65
N LYS A 287 0.97 -16.57 -23.27
CA LYS A 287 1.44 -16.37 -24.65
C LYS A 287 2.86 -16.89 -24.88
N GLY A 288 3.73 -16.71 -23.89
CA GLY A 288 5.09 -17.20 -23.95
C GLY A 288 5.11 -18.70 -23.90
N LEU A 289 4.28 -19.30 -23.08
CA LEU A 289 4.15 -20.77 -23.07
C LEU A 289 3.68 -21.33 -24.45
N GLU A 290 2.88 -20.56 -25.18
CA GLU A 290 2.42 -20.90 -26.53
C GLU A 290 3.56 -20.85 -27.53
N ILE A 291 4.34 -19.79 -27.45
CA ILE A 291 5.52 -19.61 -28.30
C ILE A 291 6.57 -20.69 -28.06
N MET A 292 6.56 -21.26 -26.89
CA MET A 292 7.40 -22.43 -26.58
C MET A 292 6.83 -23.68 -27.25
N HIS A 293 5.50 -23.81 -27.23
CA HIS A 293 4.79 -24.89 -27.93
C HIS A 293 4.83 -24.81 -29.46
N SER A 294 5.08 -23.61 -30.02
CA SER A 294 5.00 -23.36 -31.47
C SER A 294 6.33 -22.94 -32.11
N LYS A 295 7.43 -23.30 -31.46
CA LYS A 295 8.77 -23.02 -31.95
C LYS A 295 9.65 -24.22 -31.65
N PRO A 296 10.32 -24.77 -32.68
CA PRO A 296 11.39 -25.69 -32.34
C PRO A 296 12.47 -24.85 -31.66
N TYR A 297 13.06 -25.39 -30.61
CA TYR A 297 14.18 -24.75 -29.92
C TYR A 297 13.79 -23.42 -29.24
N GLY A 298 12.58 -23.36 -28.69
CA GLY A 298 12.18 -22.26 -27.85
C GLY A 298 13.16 -22.12 -26.69
N ASP A 299 13.24 -20.91 -26.16
CA ASP A 299 14.13 -20.58 -25.05
C ASP A 299 13.30 -19.79 -24.03
N PRO A 300 13.37 -20.16 -22.73
CA PRO A 300 12.75 -19.39 -21.63
C PRO A 300 12.99 -17.87 -21.65
N TYR A 301 14.20 -17.47 -22.00
CA TYR A 301 14.60 -16.10 -21.91
C TYR A 301 14.17 -15.28 -23.13
N ASN A 302 14.52 -15.74 -24.32
CA ASN A 302 14.22 -15.01 -25.55
C ASN A 302 12.75 -15.17 -26.01
N ASP A 303 12.20 -16.37 -25.88
CA ASP A 303 10.88 -16.68 -26.42
C ASP A 303 9.75 -16.56 -25.40
N TRP A 304 9.86 -17.32 -24.32
CA TRP A 304 8.81 -17.33 -23.30
C TRP A 304 8.73 -15.98 -22.57
N LEU A 305 9.79 -15.64 -21.84
CA LEU A 305 9.81 -14.42 -21.05
C LEU A 305 9.66 -13.22 -21.96
N SER A 306 10.66 -13.02 -22.82
CA SER A 306 10.85 -11.76 -23.50
C SER A 306 9.79 -11.50 -24.55
N LYS A 307 9.63 -12.40 -25.51
CA LYS A 307 8.65 -12.18 -26.59
C LYS A 307 7.19 -12.35 -26.12
N GLY A 308 6.99 -13.16 -25.08
CA GLY A 308 5.65 -13.41 -24.53
C GLY A 308 5.08 -12.13 -23.94
N LEU A 309 5.81 -11.56 -22.99
CA LEU A 309 5.49 -10.25 -22.44
C LEU A 309 5.17 -9.22 -23.51
N ARG A 310 6.10 -9.09 -24.44
CA ARG A 310 6.10 -8.01 -25.41
C ARG A 310 5.11 -8.20 -26.56
N HIS A 311 4.85 -9.43 -26.98
CA HIS A 311 3.77 -9.69 -27.96
C HIS A 311 2.39 -9.47 -27.37
N TYR A 312 2.21 -9.88 -26.13
CA TYR A 312 0.98 -9.55 -25.45
C TYR A 312 0.87 -8.05 -25.25
N PHE A 313 1.91 -7.46 -24.66
CA PHE A 313 1.88 -6.03 -24.41
C PHE A 313 2.01 -5.26 -25.73
N ASP A 314 2.86 -5.76 -26.64
CA ASP A 314 3.02 -5.11 -27.92
C ASP A 314 3.06 -6.13 -29.00
N GLY A 315 1.89 -6.63 -29.36
CA GLY A 315 1.81 -7.71 -30.33
C GLY A 315 2.50 -7.30 -31.61
N SER A 316 2.34 -6.05 -32.02
CA SER A 316 2.85 -5.64 -33.30
C SER A 316 3.97 -4.61 -33.36
N HIS A 317 4.64 -4.33 -32.25
CA HIS A 317 5.93 -3.60 -32.28
C HIS A 317 5.87 -2.10 -32.57
N ILE A 318 4.76 -1.46 -32.22
CA ILE A 318 4.61 0.00 -32.37
C ILE A 318 5.56 0.81 -31.46
N GLN A 319 5.78 0.34 -30.22
CA GLN A 319 6.66 1.05 -29.28
C GLN A 319 8.04 0.45 -29.37
N ASP A 320 9.06 1.24 -29.07
CA ASP A 320 10.42 0.73 -29.06
C ASP A 320 10.55 -0.43 -28.05
N TYR A 321 11.58 -1.25 -28.21
CA TYR A 321 11.95 -2.23 -27.21
C TYR A 321 12.15 -1.57 -25.84
N ASP A 322 13.05 -0.59 -25.78
CA ASP A 322 13.33 0.14 -24.54
C ASP A 322 12.05 0.67 -23.89
N ALA A 323 11.22 1.34 -24.69
CA ALA A 323 9.95 1.89 -24.21
C ALA A 323 8.99 0.80 -23.71
N PHE A 324 9.24 -0.45 -24.06
CA PHE A 324 8.63 -1.58 -23.35
C PHE A 324 9.37 -1.86 -22.04
N CYS A 325 10.69 -2.01 -22.12
CA CYS A 325 11.52 -2.22 -20.92
C CYS A 325 11.17 -1.25 -19.81
N ASP A 326 10.95 0.01 -20.14
CA ASP A 326 10.54 0.99 -19.15
C ASP A 326 9.15 0.67 -18.63
N PHE A 327 8.21 0.43 -19.54
CA PHE A 327 6.80 0.13 -19.21
C PHE A 327 6.64 -1.11 -18.33
N ILE A 328 7.49 -2.10 -18.55
CA ILE A 328 7.43 -3.35 -17.78
C ILE A 328 8.40 -3.39 -16.59
N GLU A 329 9.14 -2.32 -16.33
CA GLU A 329 10.20 -2.37 -15.32
C GLU A 329 9.61 -2.46 -13.92
N PHE A 330 10.21 -3.33 -13.11
CA PHE A 330 9.84 -3.48 -11.73
C PHE A 330 10.76 -2.61 -10.90
N LYS A 331 10.16 -1.63 -10.23
CA LYS A 331 10.85 -0.65 -9.39
C LYS A 331 10.61 -0.96 -7.91
N HIS A 332 11.69 -1.20 -7.16
CA HIS A 332 11.61 -1.11 -5.71
C HIS A 332 12.90 -0.66 -5.05
N GLU A 333 12.82 0.44 -4.31
CA GLU A 333 13.96 1.04 -3.64
C GLU A 333 14.51 0.19 -2.48
N ASN A 334 13.66 -0.64 -1.87
CA ASN A 334 14.03 -1.45 -0.71
C ASN A 334 14.73 -2.78 -1.05
N ILE A 335 15.04 -2.99 -2.33
CA ILE A 335 15.80 -4.13 -2.81
C ILE A 335 17.05 -3.62 -3.54
N ILE A 336 18.22 -4.15 -3.17
CA ILE A 336 19.46 -3.84 -3.86
C ILE A 336 19.55 -4.89 -4.96
N MET A 337 19.24 -4.50 -6.19
CA MET A 337 18.93 -5.46 -7.24
C MET A 337 20.18 -6.18 -7.76
N ASN A 338 20.07 -7.50 -7.88
CA ASN A 338 21.03 -8.34 -8.63
C ASN A 338 22.45 -8.07 -8.17
N THR A 339 22.69 -8.41 -6.90
CA THR A 339 24.00 -8.19 -6.27
C THR A 339 25.09 -9.22 -6.63
N SER A 340 24.74 -10.24 -7.43
CA SER A 340 25.72 -11.19 -7.97
C SER A 340 26.69 -10.58 -8.99
N SER A 341 26.31 -9.47 -9.64
CA SER A 341 27.27 -8.77 -10.51
C SER A 341 28.46 -8.17 -9.73
N LEU A 342 28.37 -8.13 -8.40
CA LEU A 342 29.43 -7.65 -7.52
C LEU A 342 29.93 -8.78 -6.63
N SER B 40 -9.14 1.08 -7.05
CA SER B 40 -9.02 1.79 -8.36
C SER B 40 -7.91 2.86 -8.33
N GLY B 41 -7.90 3.69 -9.38
CA GLY B 41 -6.99 4.84 -9.50
C GLY B 41 -7.62 6.21 -9.31
N HIS B 42 -8.95 6.30 -9.25
CA HIS B 42 -9.68 7.56 -9.05
C HIS B 42 -11.16 7.30 -8.73
N VAL B 43 -11.89 8.39 -8.50
CA VAL B 43 -13.36 8.36 -8.43
C VAL B 43 -13.90 9.74 -8.82
N SER B 44 -15.08 9.75 -9.43
CA SER B 44 -15.68 10.97 -9.96
C SER B 44 -16.91 11.38 -9.13
N PHE B 45 -17.07 12.68 -8.92
CA PHE B 45 -18.17 13.21 -8.11
C PHE B 45 -18.62 14.52 -8.73
N ALA B 46 -19.93 14.66 -8.89
CA ALA B 46 -20.58 15.85 -9.47
C ALA B 46 -20.20 16.10 -10.93
N GLY B 47 -19.77 15.04 -11.62
CA GLY B 47 -19.16 15.18 -12.95
C GLY B 47 -17.68 15.54 -13.00
N ILE B 48 -17.13 16.01 -11.87
CA ILE B 48 -15.71 16.35 -11.70
C ILE B 48 -14.98 15.08 -11.26
N ASP B 49 -13.72 14.93 -11.72
CA ASP B 49 -12.91 13.73 -11.48
C ASP B 49 -11.85 13.97 -10.40
N TYR B 50 -11.62 12.93 -9.60
CA TYR B 50 -10.79 13.01 -8.39
C TYR B 50 -9.85 11.80 -8.27
N PRO B 51 -8.53 12.01 -8.42
CA PRO B 51 -7.58 10.90 -8.37
C PRO B 51 -7.40 10.37 -6.95
N LEU B 52 -7.02 9.11 -6.83
CA LEU B 52 -6.71 8.53 -5.52
C LEU B 52 -5.29 8.85 -5.09
N LEU B 53 -5.14 9.47 -3.92
CA LEU B 53 -3.86 9.97 -3.41
C LEU B 53 -3.30 9.14 -2.23
N PRO B 54 -1.99 8.82 -2.25
CA PRO B 54 -1.41 7.95 -1.22
C PRO B 54 -1.21 8.62 0.14
N LEU B 55 -1.54 7.88 1.19
CA LEU B 55 -1.17 8.18 2.58
C LEU B 55 -0.45 6.95 3.11
N ASN B 56 0.88 6.97 3.01
CA ASN B 56 1.65 5.79 3.36
C ASN B 56 2.09 5.82 4.83
N HIS B 57 2.65 4.69 5.26
CA HIS B 57 2.87 4.34 6.66
C HIS B 57 3.73 5.29 7.49
N GLN B 58 4.33 6.29 6.84
CA GLN B 58 4.93 7.43 7.54
C GLN B 58 3.86 8.25 8.26
N THR B 59 2.65 8.25 7.68
CA THR B 59 1.61 9.20 8.04
C THR B 59 1.10 8.93 9.45
N PRO B 60 1.33 9.87 10.36
CA PRO B 60 1.03 9.62 11.77
C PRO B 60 -0.45 9.46 12.07
N LEU B 61 -0.75 8.58 13.02
CA LEU B 61 -2.07 8.55 13.60
C LEU B 61 -2.13 9.68 14.61
N VAL B 62 -3.24 10.38 14.64
CA VAL B 62 -3.44 11.39 15.64
C VAL B 62 -4.60 10.97 16.50
N PHE B 63 -4.43 11.12 17.81
CA PHE B 63 -5.49 11.02 18.77
C PHE B 63 -5.53 12.38 19.41
N GLN B 64 -6.53 12.60 20.25
CA GLN B 64 -6.68 13.87 20.95
C GLN B 64 -7.32 13.63 22.29
N TRP B 65 -6.88 14.39 23.28
CA TRP B 65 -7.59 14.45 24.54
C TRP B 65 -7.48 15.85 25.11
N PHE B 66 -8.62 16.52 25.15
CA PHE B 66 -8.75 17.81 25.77
C PHE B 66 -9.49 17.54 27.06
N GLU B 67 -8.85 17.84 28.18
CA GLU B 67 -9.34 17.46 29.48
C GLU B 67 -9.70 18.70 30.27
N ARG B 68 -10.99 18.81 30.61
CA ARG B 68 -11.50 19.97 31.35
C ARG B 68 -10.96 20.00 32.75
N ASN B 69 -11.00 18.84 33.40
CA ASN B 69 -10.69 18.73 34.81
C ASN B 69 -9.51 17.77 34.98
N PRO B 70 -8.28 18.31 34.81
CA PRO B 70 -7.07 17.59 35.21
C PRO B 70 -7.00 17.11 36.66
N ASP B 71 -7.69 17.77 37.58
CA ASP B 71 -7.57 17.47 39.01
C ASP B 71 -8.34 16.24 39.52
N ARG B 72 -9.29 15.73 38.73
CA ARG B 72 -9.82 14.39 38.98
C ARG B 72 -8.84 13.28 38.61
N PHE B 73 -7.71 13.64 38.03
CA PHE B 73 -6.59 12.73 37.89
C PHE B 73 -5.59 12.91 39.03
N GLY B 74 -4.82 11.85 39.27
CA GLY B 74 -3.60 11.95 40.04
C GLY B 74 -2.61 12.86 39.32
N GLN B 75 -1.86 13.64 40.09
CA GLN B 75 -0.94 14.64 39.51
C GLN B 75 0.28 14.00 38.92
N ASN B 76 0.50 12.74 39.29
CA ASN B 76 1.41 11.83 38.60
C ASN B 76 0.60 10.62 38.12
N GLU B 77 -0.31 10.92 37.20
CA GLU B 77 -1.14 9.95 36.49
C GLU B 77 -1.16 10.55 35.10
N ILE B 78 -1.29 9.74 34.05
CA ILE B 78 -1.34 10.34 32.71
C ILE B 78 -2.74 10.89 32.57
N PRO B 79 -2.86 12.22 32.42
CA PRO B 79 -4.18 12.88 32.45
C PRO B 79 -5.01 12.57 31.21
N ILE B 80 -5.07 11.28 30.88
CA ILE B 80 -5.85 10.78 29.81
C ILE B 80 -6.63 9.61 30.35
N ILE B 81 -7.90 9.56 30.06
CA ILE B 81 -8.78 8.64 30.71
C ILE B 81 -8.70 7.17 30.28
N ASN B 82 -8.83 6.30 31.27
CA ASN B 82 -8.87 4.88 31.04
C ASN B 82 -10.01 4.21 31.77
N THR B 83 -11.14 4.86 31.83
CA THR B 83 -12.20 4.40 32.70
C THR B 83 -12.63 3.11 32.15
N GLN B 84 -13.38 2.34 32.90
CA GLN B 84 -13.82 1.04 32.40
C GLN B 84 -14.69 1.16 31.15
N LYS B 85 -15.58 2.13 31.20
CA LYS B 85 -16.44 2.50 30.10
C LYS B 85 -15.64 3.04 28.94
N ASN B 86 -14.64 3.81 29.30
CA ASN B 86 -13.78 4.50 28.37
C ASN B 86 -12.36 4.26 28.84
N PRO B 87 -11.74 3.15 28.42
CA PRO B 87 -10.34 2.98 28.79
C PRO B 87 -9.46 3.66 27.78
N TYR B 88 -9.67 4.95 27.60
CA TYR B 88 -9.06 5.63 26.48
C TYR B 88 -7.56 5.64 26.49
N LEU B 89 -6.97 5.73 27.66
CA LEU B 89 -5.52 5.76 27.73
C LEU B 89 -5.04 4.43 27.18
N ASN B 90 -5.79 3.37 27.41
CA ASN B 90 -5.47 2.07 26.81
C ASN B 90 -5.58 1.90 25.30
N ASN B 91 -6.56 2.53 24.66
CA ASN B 91 -6.77 2.37 23.21
C ASN B 91 -5.67 2.91 22.32
N ILE B 92 -5.04 3.98 22.71
CA ILE B 92 -3.96 4.52 21.92
C ILE B 92 -2.73 3.64 22.02
N ILE B 93 -2.40 3.22 23.22
CA ILE B 93 -1.17 2.45 23.37
C ILE B 93 -1.23 1.25 22.45
N ASN B 94 -2.34 0.52 22.53
CA ASN B 94 -2.52 -0.66 21.67
C ASN B 94 -2.47 -0.29 20.19
N ALA B 95 -3.03 0.88 19.85
CA ALA B 95 -2.85 1.44 18.53
C ALA B 95 -1.37 1.60 18.21
N ALA B 96 -0.65 2.29 19.09
CA ALA B 96 0.79 2.52 18.89
C ALA B 96 1.60 1.24 18.84
N ILE B 97 1.19 0.22 19.59
CA ILE B 97 1.87 -1.07 19.56
C ILE B 97 1.60 -1.74 18.21
N ILE B 98 0.37 -1.70 17.75
CA ILE B 98 0.03 -2.30 16.46
C ILE B 98 0.76 -1.61 15.31
N GLU B 99 1.21 -0.37 15.55
CA GLU B 99 1.93 0.44 14.56
C GLU B 99 3.22 1.03 15.10
N LYS B 100 4.16 0.19 15.45
CA LYS B 100 5.36 0.63 16.15
C LYS B 100 6.29 1.45 15.27
N GLU B 101 6.06 1.36 13.96
CA GLU B 101 6.89 1.99 12.98
C GLU B 101 6.09 2.99 12.14
N ARG B 102 5.08 3.59 12.76
CA ARG B 102 4.44 4.80 12.24
C ARG B 102 4.40 5.73 13.41
N ILE B 103 4.50 7.03 13.18
CA ILE B 103 4.40 8.00 14.27
C ILE B 103 2.95 8.08 14.76
N ILE B 104 2.81 8.28 16.06
CA ILE B 104 1.51 8.42 16.72
C ILE B 104 1.57 9.70 17.53
N GLY B 105 0.66 10.62 17.24
CA GLY B 105 0.54 11.88 17.98
C GLY B 105 -0.58 11.81 18.99
N ILE B 106 -0.35 12.40 20.18
CA ILE B 106 -1.40 12.60 21.18
C ILE B 106 -1.55 14.11 21.41
N PHE B 107 -2.60 14.64 20.80
CA PHE B 107 -2.93 16.04 20.81
C PHE B 107 -3.69 16.35 22.09
N VAL B 108 -3.00 17.01 23.01
CA VAL B 108 -3.49 17.22 24.38
C VAL B 108 -3.66 18.69 24.67
N ASP B 109 -4.48 19.00 25.68
CA ASP B 109 -4.72 20.39 26.13
C ASP B 109 -5.53 20.39 27.42
N GLY B 110 -5.06 21.19 28.37
CA GLY B 110 -5.66 21.28 29.71
C GLY B 110 -4.64 21.85 30.66
N ASP B 111 -5.10 22.48 31.74
CA ASP B 111 -4.18 23.09 32.68
C ASP B 111 -3.47 22.01 33.54
N PHE B 112 -2.35 21.53 33.00
CA PHE B 112 -1.72 20.30 33.48
C PHE B 112 -0.62 20.54 34.49
N SER B 113 -0.68 19.76 35.59
CA SER B 113 0.36 19.81 36.61
C SER B 113 1.68 19.29 36.06
N LYS B 114 2.78 19.80 36.62
CA LYS B 114 4.13 19.39 36.20
C LYS B 114 4.29 17.88 36.18
N GLY B 115 3.80 17.24 37.23
CA GLY B 115 3.84 15.78 37.32
C GLY B 115 2.99 15.08 36.27
N GLN B 116 1.87 15.68 35.91
CA GLN B 116 1.01 15.12 34.86
C GLN B 116 1.64 15.24 33.48
N ARG B 117 2.38 16.32 33.24
CA ARG B 117 3.19 16.46 32.01
C ARG B 117 4.32 15.41 31.91
N LYS B 118 4.84 14.97 33.06
CA LYS B 118 5.89 13.94 33.12
C LYS B 118 5.36 12.51 33.17
N ALA B 119 4.09 12.35 33.51
CA ALA B 119 3.40 11.11 33.24
C ALA B 119 3.44 10.87 31.73
N LEU B 120 3.05 11.88 30.96
CA LEU B 120 3.19 11.81 29.50
C LEU B 120 4.64 11.61 29.08
N GLY B 121 5.56 12.23 29.81
CA GLY B 121 6.99 12.13 29.52
C GLY B 121 7.50 10.71 29.58
N LYS B 122 7.15 10.04 30.68
CA LYS B 122 7.41 8.60 30.80
C LYS B 122 6.78 7.85 29.63
N LEU B 123 5.52 8.22 29.32
CA LEU B 123 4.77 7.64 28.21
C LEU B 123 5.48 7.77 26.86
N GLU B 124 6.16 8.89 26.66
CA GLU B 124 6.94 9.11 25.44
C GLU B 124 8.25 8.32 25.38
N GLN B 125 8.94 8.12 26.50
CA GLN B 125 10.15 7.29 26.43
C GLN B 125 9.82 5.80 26.56
N ASN B 126 8.85 5.45 27.40
CA ASN B 126 8.40 4.06 27.48
C ASN B 126 7.77 3.54 26.17
N TYR B 127 7.28 4.44 25.34
CA TYR B 127 6.95 4.12 23.94
C TYR B 127 7.32 5.33 23.06
N ARG B 128 8.31 5.16 22.19
CA ARG B 128 8.98 6.30 21.53
C ARG B 128 8.53 6.54 20.06
N ASN B 129 7.42 5.92 19.66
CA ASN B 129 6.64 6.41 18.49
C ASN B 129 5.53 7.41 18.91
N ILE B 130 5.08 7.30 20.16
CA ILE B 130 4.16 8.25 20.76
C ILE B 130 4.83 9.61 20.96
N LYS B 131 4.12 10.66 20.54
CA LYS B 131 4.58 12.03 20.62
C LYS B 131 3.45 12.86 21.21
N VAL B 132 3.65 13.37 22.42
CA VAL B 132 2.63 14.17 23.08
C VAL B 132 2.84 15.59 22.58
N ILE B 133 1.75 16.25 22.20
CA ILE B 133 1.79 17.62 21.64
C ILE B 133 0.80 18.54 22.36
N TYR B 134 1.29 19.62 22.95
CA TYR B 134 0.44 20.52 23.74
C TYR B 134 -0.13 21.57 22.80
N ASN B 135 -1.45 21.76 22.85
CA ASN B 135 -2.13 22.79 22.07
C ASN B 135 -1.49 24.18 22.17
N SER B 136 -1.09 24.57 23.38
CA SER B 136 -0.44 25.87 23.59
C SER B 136 0.92 26.00 22.89
N ASP B 137 1.57 24.87 22.58
CA ASP B 137 2.86 24.88 21.86
C ASP B 137 2.73 25.14 20.34
N LEU B 138 1.49 25.27 19.84
CA LEU B 138 1.24 25.62 18.43
C LEU B 138 0.61 26.99 18.31
N ASN B 139 1.06 27.74 17.29
CA ASN B 139 0.59 29.10 17.01
C ASN B 139 -0.41 29.01 15.88
N TYR B 140 -1.64 29.44 16.15
CA TYR B 140 -2.73 29.41 15.19
C TYR B 140 -3.14 30.79 14.68
N SER B 141 -2.28 31.81 14.90
CA SER B 141 -2.64 33.21 14.58
C SER B 141 -2.97 33.47 13.10
N MET B 142 -2.41 32.65 12.22
CA MET B 142 -2.59 32.79 10.76
C MET B 142 -3.95 32.29 10.28
N TYR B 143 -4.69 31.62 11.16
CA TYR B 143 -6.00 31.06 10.85
C TYR B 143 -7.10 31.73 11.66
N ASP B 144 -6.77 32.81 12.37
CA ASP B 144 -7.63 33.35 13.42
C ASP B 144 -8.47 34.57 12.95
N LYS B 145 -9.42 34.97 13.78
CA LYS B 145 -10.21 36.15 13.54
C LYS B 145 -10.91 36.69 14.77
N LYS B 146 -11.16 38.00 14.77
CA LYS B 146 -11.79 38.69 15.90
C LYS B 146 -13.28 38.75 15.68
N LEU B 147 -14.05 38.48 16.72
CA LEU B 147 -15.51 38.40 16.60
C LEU B 147 -16.11 39.78 16.35
N THR B 148 -15.46 40.81 16.92
CA THR B 148 -15.71 42.20 16.53
C THR B 148 -15.70 42.30 15.02
N THR B 149 -14.61 41.85 14.41
CA THR B 149 -14.53 41.86 12.96
C THR B 149 -15.68 41.05 12.38
N ILE B 150 -15.84 39.82 12.85
CA ILE B 150 -16.76 38.87 12.22
C ILE B 150 -18.19 39.35 12.32
N TYR B 151 -18.59 39.84 13.48
CA TYR B 151 -19.95 40.38 13.69
C TYR B 151 -20.26 41.62 12.84
N LEU B 152 -19.43 42.64 13.01
CA LEU B 152 -19.59 43.91 12.31
C LEU B 152 -19.66 43.71 10.77
N GLU B 153 -18.95 42.70 10.27
CA GLU B 153 -19.09 42.27 8.88
C GLU B 153 -20.53 41.94 8.56
N ASN B 154 -21.13 41.04 9.33
CA ASN B 154 -22.50 40.62 9.06
C ASN B 154 -23.50 41.74 9.31
N ILE B 155 -23.28 42.51 10.38
CA ILE B 155 -24.09 43.70 10.63
C ILE B 155 -24.18 44.55 9.37
N THR B 156 -23.04 44.83 8.77
CA THR B 156 -22.95 45.57 7.50
C THR B 156 -23.67 44.89 6.34
N LYS B 157 -23.46 43.58 6.18
CA LYS B 157 -24.09 42.83 5.07
C LYS B 157 -25.61 42.98 5.14
N LEU B 158 -26.17 42.73 6.32
CA LEU B 158 -27.61 42.77 6.56
C LEU B 158 -28.18 44.17 6.35
N GLU B 159 -27.55 45.16 6.97
CA GLU B 159 -27.97 46.57 6.82
C GLU B 159 -27.89 47.04 5.36
N ALA B 160 -26.98 46.45 4.60
CA ALA B 160 -26.87 46.73 3.16
C ALA B 160 -27.93 46.03 2.27
N GLN B 161 -28.79 45.19 2.86
CA GLN B 161 -29.87 44.55 2.10
C GLN B 161 -31.18 45.31 2.26
N SER B 162 -32.10 45.04 1.33
CA SER B 162 -33.43 45.61 1.34
C SER B 162 -34.07 45.33 2.69
N ALA B 163 -34.62 46.37 3.31
CA ALA B 163 -35.36 46.20 4.57
C ALA B 163 -36.57 45.31 4.42
N SER B 164 -37.18 45.32 3.25
CA SER B 164 -38.31 44.42 2.97
C SER B 164 -37.87 42.98 2.70
N GLU B 165 -36.58 42.71 2.61
CA GLU B 165 -36.04 41.35 2.37
C GLU B 165 -35.33 40.74 3.57
N ARG B 166 -34.73 41.57 4.42
CA ARG B 166 -33.61 41.12 5.26
C ARG B 166 -34.02 40.56 6.59
N ASP B 167 -33.11 39.76 7.12
CA ASP B 167 -33.30 39.00 8.31
C ASP B 167 -33.01 39.95 9.49
N GLU B 168 -34.02 40.74 9.83
CA GLU B 168 -33.93 41.63 10.97
C GLU B 168 -33.78 40.86 12.28
N VAL B 169 -34.43 39.70 12.34
CA VAL B 169 -34.32 38.77 13.46
C VAL B 169 -32.84 38.44 13.71
N LEU B 170 -32.13 38.03 12.65
CA LEU B 170 -30.67 37.86 12.70
C LEU B 170 -29.97 39.21 12.84
N LEU B 171 -30.42 40.21 12.09
CA LEU B 171 -29.77 41.54 12.12
C LEU B 171 -29.67 42.08 13.56
N ASN B 172 -30.70 41.84 14.37
CA ASN B 172 -30.70 42.28 15.77
C ASN B 172 -30.01 41.34 16.78
N GLY B 173 -29.70 40.11 16.36
CA GLY B 173 -28.95 39.19 17.18
C GLY B 173 -27.44 39.38 17.16
N VAL B 174 -26.92 39.62 15.96
CA VAL B 174 -25.49 39.79 15.76
C VAL B 174 -25.03 41.11 16.44
N LYS B 175 -25.92 42.10 16.51
CA LYS B 175 -25.66 43.37 17.23
C LYS B 175 -25.65 43.24 18.75
N LYS B 176 -26.42 42.31 19.29
CA LYS B 176 -26.38 42.05 20.72
C LYS B 176 -25.18 41.15 21.04
N SER B 177 -24.92 40.16 20.19
CA SER B 177 -23.63 39.43 20.24
C SER B 177 -22.50 40.45 20.23
N LEU B 178 -22.61 41.40 19.32
CA LEU B 178 -21.69 42.53 19.27
C LEU B 178 -21.68 43.26 20.61
N GLU B 179 -22.86 43.71 21.05
CA GLU B 179 -23.02 44.41 22.32
C GLU B 179 -22.37 43.65 23.48
N ASP B 180 -22.49 42.32 23.47
CA ASP B 180 -21.92 41.49 24.54
C ASP B 180 -20.43 41.27 24.48
N VAL B 181 -19.85 41.16 23.28
CA VAL B 181 -18.39 40.97 23.15
C VAL B 181 -17.59 42.23 23.53
N LEU B 182 -18.08 43.41 23.13
CA LEU B 182 -17.47 44.71 23.50
C LEU B 182 -17.31 44.80 25.02
N LYS B 183 -18.44 44.71 25.71
CA LYS B 183 -18.49 44.69 27.17
C LYS B 183 -17.65 43.57 27.72
N ASN B 184 -17.78 42.40 27.11
CA ASN B 184 -17.13 41.19 27.56
C ASN B 184 -15.63 41.21 27.36
N ASN B 185 -15.18 41.47 26.15
CA ASN B 185 -13.80 41.83 25.93
C ASN B 185 -13.71 42.39 24.56
N PRO B 186 -12.83 43.44 24.35
CA PRO B 186 -12.70 43.75 22.91
C PRO B 186 -11.91 42.71 22.11
N GLU B 187 -10.72 42.32 22.56
CA GLU B 187 -9.87 41.53 21.71
C GLU B 187 -10.10 40.04 21.91
N GLU B 188 -11.27 39.59 21.47
CA GLU B 188 -11.69 38.23 21.70
C GLU B 188 -11.95 37.59 20.35
N THR B 189 -11.36 36.44 20.09
CA THR B 189 -11.35 35.89 18.74
C THR B 189 -12.10 34.57 18.65
N LEU B 190 -12.20 34.04 17.44
CA LEU B 190 -12.78 32.69 17.21
C LEU B 190 -12.10 31.62 18.01
N ILE B 191 -10.78 31.64 17.94
CA ILE B 191 -9.95 30.59 18.52
C ILE B 191 -10.10 30.59 20.04
N SER B 192 -10.06 31.79 20.63
CA SER B 192 -10.17 31.95 22.07
C SER B 192 -11.56 31.55 22.55
N SER B 193 -12.54 31.79 21.71
CA SER B 193 -13.93 31.47 21.98
C SER B 193 -14.16 29.99 22.16
N HIS B 194 -13.66 29.19 21.24
CA HIS B 194 -13.93 27.79 21.29
C HIS B 194 -13.01 27.24 22.32
N ASN B 195 -13.32 27.57 23.55
CA ASN B 195 -12.45 27.24 24.62
C ASN B 195 -12.99 26.09 25.42
N LYS B 196 -12.21 25.78 26.46
CA LYS B 196 -12.42 24.65 27.29
C LYS B 196 -13.72 24.75 28.04
N ASP B 197 -14.13 26.00 28.30
CA ASP B 197 -15.42 26.24 28.90
C ASP B 197 -16.52 25.84 27.97
N LYS B 198 -16.22 25.72 26.69
CA LYS B 198 -17.25 25.56 25.70
C LYS B 198 -17.47 24.14 25.23
N GLY B 199 -17.11 23.16 26.05
CA GLY B 199 -17.51 21.80 25.79
C GLY B 199 -16.88 21.29 24.53
N HIS B 200 -17.61 20.45 23.80
CA HIS B 200 -16.98 19.68 22.74
C HIS B 200 -16.45 20.51 21.61
N LEU B 201 -16.92 21.75 21.55
CA LEU B 201 -16.41 22.70 20.62
C LEU B 201 -14.96 23.00 20.84
N TRP B 202 -14.56 22.96 22.09
CA TRP B 202 -13.21 23.20 22.43
C TRP B 202 -12.26 22.28 21.66
N PHE B 203 -12.56 20.99 21.65
CA PHE B 203 -11.65 20.00 21.00
C PHE B 203 -11.99 19.66 19.56
N ASP B 204 -13.24 19.83 19.15
CA ASP B 204 -13.59 19.62 17.76
C ASP B 204 -13.16 20.78 16.87
N PHE B 205 -13.11 22.01 17.42
CA PHE B 205 -12.55 23.16 16.71
C PHE B 205 -11.04 23.02 16.47
N TYR B 206 -10.28 22.86 17.56
CA TYR B 206 -8.81 22.75 17.47
C TYR B 206 -8.36 21.52 16.69
N ARG B 207 -9.18 20.49 16.66
CA ARG B 207 -8.89 19.33 15.84
C ARG B 207 -8.69 19.80 14.41
N ASN B 208 -9.69 20.48 13.87
CA ASN B 208 -9.67 20.95 12.48
C ASN B 208 -8.47 21.83 12.18
N LEU B 209 -8.13 22.72 13.12
CA LEU B 209 -6.88 23.47 13.06
C LEU B 209 -5.67 22.56 12.96
N PHE B 210 -5.58 21.56 13.85
CA PHE B 210 -4.44 20.63 13.88
C PHE B 210 -4.18 20.07 12.51
N LEU B 211 -5.23 19.55 11.90
CA LEU B 211 -5.10 18.91 10.60
C LEU B 211 -4.65 19.89 9.53
N LEU B 212 -5.13 21.13 9.61
CA LEU B 212 -4.61 22.20 8.77
C LEU B 212 -3.08 22.27 8.84
N LYS B 213 -2.55 22.26 10.05
CA LYS B 213 -1.11 22.19 10.27
C LYS B 213 -0.49 20.82 9.97
N GLY B 214 -1.31 19.77 9.97
CA GLY B 214 -0.87 18.44 9.55
C GLY B 214 0.40 17.93 10.26
N SER B 215 1.24 17.24 9.50
CA SER B 215 2.43 16.59 10.04
C SER B 215 3.55 17.56 10.37
N ASP B 216 3.53 18.76 9.78
CA ASP B 216 4.52 19.80 10.10
C ASP B 216 4.41 20.33 11.53
N ALA B 217 3.35 19.94 12.25
CA ALA B 217 3.15 20.33 13.65
C ALA B 217 3.96 19.52 14.65
N PHE B 218 4.38 18.31 14.25
CA PHE B 218 5.35 17.55 15.06
C PHE B 218 6.66 18.33 15.14
N LEU B 219 6.98 18.99 14.02
CA LEU B 219 8.16 19.82 13.94
C LEU B 219 7.96 21.12 14.73
N GLU B 220 6.80 21.74 14.61
CA GLU B 220 6.56 23.06 15.22
C GLU B 220 6.61 23.10 16.77
N ALA B 221 6.22 22.01 17.43
CA ALA B 221 6.40 21.87 18.92
C ALA B 221 7.80 21.39 19.29
N GLY B 222 8.49 20.78 18.34
CA GLY B 222 9.88 20.34 18.47
C GLY B 222 10.08 18.85 18.79
N LYS B 223 9.10 18.02 18.46
CA LYS B 223 9.08 16.63 18.95
C LYS B 223 10.19 15.75 18.33
N PRO B 224 10.90 14.95 19.17
CA PRO B 224 12.04 14.15 18.69
C PRO B 224 11.70 13.11 17.65
N GLY B 225 12.73 12.58 17.01
CA GLY B 225 12.60 11.50 16.02
C GLY B 225 11.39 11.61 15.10
N CYS B 226 11.15 12.80 14.57
CA CYS B 226 10.09 13.08 13.58
C CYS B 226 10.59 13.60 12.24
N HIS B 227 11.91 13.71 12.08
CA HIS B 227 12.59 13.93 10.78
C HIS B 227 12.08 13.07 9.61
N HIS B 228 11.59 11.87 9.92
CA HIS B 228 10.98 10.98 8.92
C HIS B 228 9.64 11.44 8.32
N LEU B 229 9.02 12.48 8.88
CA LEU B 229 7.78 13.05 8.33
C LEU B 229 8.04 13.96 7.14
N GLN B 230 7.21 13.79 6.12
CA GLN B 230 7.34 14.56 4.91
C GLN B 230 6.72 15.93 5.12
N PRO B 231 7.23 16.93 4.40
CA PRO B 231 6.78 18.32 4.60
C PRO B 231 5.41 18.59 4.02
N GLY B 232 4.72 19.56 4.62
CA GLY B 232 3.30 19.80 4.35
C GLY B 232 2.55 18.50 4.18
N GLY B 233 2.82 17.56 5.08
CA GLY B 233 2.33 16.20 4.97
C GLY B 233 1.09 16.04 5.84
N GLY B 234 0.31 15.02 5.51
CA GLY B 234 -0.99 14.84 6.12
C GLY B 234 -0.94 14.22 7.51
N CYS B 235 -2.09 13.74 7.96
CA CYS B 235 -2.18 12.95 9.19
C CYS B 235 -3.50 12.17 9.19
N ILE B 236 -3.76 11.39 10.24
CA ILE B 236 -4.98 10.58 10.32
C ILE B 236 -5.60 10.65 11.70
N TYR B 237 -6.33 11.71 12.00
CA TYR B 237 -6.95 11.82 13.32
C TYR B 237 -7.88 10.63 13.61
N LEU B 238 -7.94 10.25 14.87
CA LEU B 238 -8.84 9.21 15.30
C LEU B 238 -9.36 9.52 16.69
N ASP B 239 -10.68 9.45 16.83
CA ASP B 239 -11.28 9.30 18.13
C ASP B 239 -10.47 8.26 18.90
N ALA B 240 -10.26 8.45 20.20
CA ALA B 240 -9.55 7.49 21.03
C ALA B 240 -10.21 6.11 21.03
N ASP B 241 -11.51 6.07 20.71
CA ASP B 241 -12.31 4.84 20.70
C ASP B 241 -12.38 4.05 19.39
N MET B 242 -11.78 4.55 18.31
CA MET B 242 -11.75 3.76 17.06
C MET B 242 -10.54 2.83 17.22
N LEU B 243 -10.81 1.51 17.18
CA LEU B 243 -9.88 0.49 17.65
C LEU B 243 -9.01 -0.11 16.57
N LEU B 244 -7.70 0.10 16.66
CA LEU B 244 -6.82 -0.64 15.77
C LEU B 244 -6.81 -2.09 16.21
N THR B 245 -6.82 -2.96 15.21
CA THR B 245 -6.86 -4.40 15.41
C THR B 245 -5.71 -5.13 14.73
N ASP B 246 -5.13 -4.44 13.77
CA ASP B 246 -4.34 -5.00 12.70
C ASP B 246 -3.83 -3.75 12.00
N LYS B 247 -2.96 -3.91 11.02
CA LYS B 247 -2.28 -2.75 10.45
C LYS B 247 -3.13 -2.03 9.43
N LEU B 248 -2.97 -0.71 9.37
CA LEU B 248 -3.75 0.10 8.43
C LEU B 248 -3.12 0.09 7.03
N GLY B 249 -1.79 0.06 6.99
CA GLY B 249 -1.08 0.13 5.72
C GLY B 249 -1.20 1.50 5.08
N THR B 250 -1.31 1.48 3.76
CA THR B 250 -1.20 2.67 2.91
C THR B 250 -2.54 3.06 2.31
N LEU B 251 -3.06 4.19 2.77
CA LEU B 251 -4.42 4.57 2.44
C LEU B 251 -4.48 5.33 1.13
N TYR B 252 -5.58 5.14 0.40
CA TYR B 252 -5.89 5.96 -0.77
C TYR B 252 -7.26 6.61 -0.67
N LEU B 253 -7.33 7.87 -1.10
CA LEU B 253 -8.47 8.74 -0.84
C LEU B 253 -8.85 9.53 -2.08
N PRO B 254 -10.11 10.04 -2.13
CA PRO B 254 -10.47 10.98 -3.21
C PRO B 254 -9.91 12.37 -2.89
N ASP B 255 -8.92 12.80 -3.67
CA ASP B 255 -8.14 14.03 -3.38
C ASP B 255 -7.35 13.99 -2.05
N GLY B 256 -7.23 12.82 -1.44
CA GLY B 256 -6.43 12.69 -0.22
C GLY B 256 -7.16 13.17 1.02
N ILE B 257 -8.47 12.91 1.08
CA ILE B 257 -9.27 13.24 2.26
C ILE B 257 -10.45 12.31 2.43
N ALA B 258 -10.69 11.91 3.67
CA ALA B 258 -11.87 11.13 4.01
C ALA B 258 -12.18 11.30 5.49
N ILE B 259 -13.47 11.18 5.82
CA ILE B 259 -13.93 11.25 7.22
C ILE B 259 -14.95 10.17 7.55
N HIS B 260 -15.07 9.91 8.84
CA HIS B 260 -15.91 8.85 9.31
C HIS B 260 -17.31 9.11 8.86
N VAL B 261 -18.01 8.04 8.53
CA VAL B 261 -19.41 8.13 8.22
C VAL B 261 -20.15 7.04 8.97
N SER B 262 -21.22 7.41 9.63
CA SER B 262 -21.93 6.45 10.45
C SER B 262 -23.18 6.11 9.69
N ARG B 263 -23.68 4.90 9.84
CA ARG B 263 -24.82 4.47 9.03
C ARG B 263 -25.86 3.63 9.80
N LYS B 264 -26.53 4.22 10.78
CA LYS B 264 -27.49 3.45 11.56
C LYS B 264 -28.84 4.11 11.78
N ASP B 265 -29.89 3.32 11.82
CA ASP B 265 -29.98 2.05 11.16
C ASP B 265 -29.90 2.38 9.68
N ASN B 266 -30.41 3.55 9.34
CA ASN B 266 -30.43 4.03 7.98
C ASN B 266 -30.03 5.51 7.84
N HIS B 267 -29.49 6.10 8.91
CA HIS B 267 -29.36 7.57 9.00
C HIS B 267 -27.91 7.94 8.82
N VAL B 268 -27.52 8.23 7.58
CA VAL B 268 -26.12 8.46 7.25
C VAL B 268 -25.74 9.90 7.58
N SER B 269 -24.67 10.07 8.37
CA SER B 269 -24.12 11.39 8.68
C SER B 269 -22.63 11.39 8.41
N LEU B 270 -22.03 12.57 8.54
CA LEU B 270 -20.60 12.71 8.47
C LEU B 270 -20.16 12.85 9.88
N GLU B 271 -18.98 12.34 10.19
CA GLU B 271 -18.54 12.30 11.58
C GLU B 271 -17.17 12.88 11.71
N ASN B 272 -16.88 13.49 12.85
CA ASN B 272 -15.57 14.07 13.05
C ASN B 272 -14.61 13.04 13.64
N GLY B 273 -15.11 11.85 13.90
CA GLY B 273 -14.42 10.83 14.66
C GLY B 273 -13.28 10.15 13.96
N ILE B 274 -13.21 10.32 12.64
CA ILE B 274 -11.99 10.12 11.87
C ILE B 274 -11.87 11.30 10.95
N ILE B 275 -10.66 11.83 10.85
CA ILE B 275 -10.33 12.82 9.83
C ILE B 275 -8.92 12.51 9.33
N ALA B 276 -8.82 12.15 8.05
CA ALA B 276 -7.54 11.82 7.42
C ALA B 276 -7.32 12.67 6.18
N VAL B 277 -6.25 13.46 6.18
CA VAL B 277 -5.84 14.26 5.01
C VAL B 277 -4.44 13.86 4.57
N ASN B 278 -4.09 14.19 3.32
CA ASN B 278 -2.77 13.86 2.74
C ASN B 278 -1.75 14.99 2.76
N ARG B 279 -2.10 16.14 3.35
CA ARG B 279 -1.23 17.33 3.32
C ARG B 279 -1.67 18.41 4.30
N SER B 280 -0.77 19.37 4.50
CA SER B 280 -1.04 20.47 5.40
C SER B 280 -1.94 21.44 4.65
N GLU B 281 -2.92 21.98 5.33
CA GLU B 281 -3.88 22.94 4.77
C GLU B 281 -4.59 22.43 3.52
N HIS B 282 -5.29 21.31 3.67
CA HIS B 282 -6.13 20.80 2.59
C HIS B 282 -7.23 21.84 2.26
N PRO B 283 -7.49 22.10 0.96
CA PRO B 283 -8.57 23.01 0.54
C PRO B 283 -9.96 22.82 1.17
N ALA B 284 -10.60 21.66 0.99
CA ALA B 284 -11.91 21.34 1.62
C ALA B 284 -12.08 21.80 3.07
N LEU B 285 -11.02 21.73 3.88
CA LEU B 285 -11.05 22.20 5.27
C LEU B 285 -10.75 23.68 5.32
N ILE B 286 -9.88 24.13 4.41
CA ILE B 286 -9.63 25.56 4.18
C ILE B 286 -10.92 26.32 3.91
N LYS B 287 -11.71 25.87 2.94
CA LYS B 287 -13.06 26.43 2.69
C LYS B 287 -13.94 26.47 3.94
N GLY B 288 -13.82 25.45 4.78
CA GLY B 288 -14.55 25.40 6.03
C GLY B 288 -14.05 26.44 6.98
N LEU B 289 -12.74 26.63 7.04
CA LEU B 289 -12.19 27.73 7.86
C LEU B 289 -12.69 29.13 7.40
N GLU B 290 -12.96 29.29 6.10
CA GLU B 290 -13.52 30.51 5.52
C GLU B 290 -14.96 30.71 5.96
N ILE B 291 -15.74 29.65 5.89
CA ILE B 291 -17.13 29.67 6.31
C ILE B 291 -17.28 29.95 7.79
N MET B 292 -16.26 29.65 8.55
CA MET B 292 -16.19 30.02 9.96
C MET B 292 -15.89 31.51 10.12
N HIS B 293 -15.01 32.03 9.26
CA HIS B 293 -14.72 33.48 9.18
C HIS B 293 -15.86 34.34 8.62
N SER B 294 -16.79 33.73 7.87
CA SER B 294 -17.85 34.45 7.13
C SER B 294 -19.28 34.13 7.59
N LYS B 295 -19.38 33.61 8.80
CA LYS B 295 -20.65 33.30 9.44
C LYS B 295 -20.59 33.70 10.90
N PRO B 296 -21.54 34.52 11.36
CA PRO B 296 -21.65 34.64 12.80
C PRO B 296 -22.15 33.28 13.30
N TYR B 297 -21.59 32.82 14.39
CA TYR B 297 -22.03 31.55 15.00
C TYR B 297 -21.75 30.30 14.14
N GLY B 298 -20.62 30.31 13.44
CA GLY B 298 -20.16 29.12 12.76
C GLY B 298 -19.99 28.00 13.78
N ASP B 299 -20.07 26.77 13.30
CA ASP B 299 -19.95 25.57 14.10
C ASP B 299 -18.95 24.63 13.39
N PRO B 300 -17.97 24.06 14.12
CA PRO B 300 -17.03 23.07 13.57
C PRO B 300 -17.67 21.89 12.81
N TYR B 301 -18.80 21.43 13.32
CA TYR B 301 -19.45 20.27 12.77
C TYR B 301 -20.29 20.56 11.54
N ASN B 302 -21.22 21.51 11.65
CA ASN B 302 -22.14 21.84 10.57
C ASN B 302 -21.48 22.71 9.47
N ASP B 303 -20.66 23.66 9.87
CA ASP B 303 -20.12 24.66 8.92
C ASP B 303 -18.74 24.32 8.42
N TRP B 304 -17.78 24.16 9.33
CA TRP B 304 -16.39 23.89 8.95
C TRP B 304 -16.26 22.50 8.32
N LEU B 305 -16.50 21.45 9.10
CA LEU B 305 -16.34 20.09 8.64
C LEU B 305 -17.30 19.84 7.48
N SER B 306 -18.58 19.89 7.78
CA SER B 306 -19.60 19.36 6.89
C SER B 306 -19.76 20.15 5.61
N LYS B 307 -20.08 21.44 5.73
CA LYS B 307 -20.29 22.28 4.54
C LYS B 307 -18.98 22.60 3.78
N GLY B 308 -17.86 22.61 4.49
CA GLY B 308 -16.55 22.87 3.88
C GLY B 308 -16.21 21.78 2.88
N LEU B 309 -16.15 20.55 3.39
CA LEU B 309 -15.99 19.36 2.55
C LEU B 309 -16.87 19.38 1.31
N ARG B 310 -18.17 19.55 1.56
CA ARG B 310 -19.21 19.36 0.57
C ARG B 310 -19.36 20.52 -0.39
N HIS B 311 -19.17 21.75 0.05
CA HIS B 311 -19.18 22.85 -0.89
C HIS B 311 -18.02 22.68 -1.82
N TYR B 312 -16.87 22.33 -1.26
CA TYR B 312 -15.71 22.11 -2.10
C TYR B 312 -15.92 20.92 -3.03
N PHE B 313 -16.32 19.79 -2.48
CA PHE B 313 -16.59 18.64 -3.31
C PHE B 313 -17.84 18.87 -4.17
N ASP B 314 -18.87 19.51 -3.59
CA ASP B 314 -20.09 19.80 -4.32
C ASP B 314 -20.61 21.19 -4.00
N GLY B 315 -20.01 22.19 -4.63
CA GLY B 315 -20.40 23.57 -4.40
C GLY B 315 -21.86 23.87 -4.65
N SER B 316 -22.41 23.27 -5.70
CA SER B 316 -23.78 23.61 -6.09
C SER B 316 -24.80 22.51 -5.82
N HIS B 317 -24.44 21.49 -5.04
CA HIS B 317 -25.43 20.54 -4.51
C HIS B 317 -26.13 19.70 -5.60
N ILE B 318 -25.35 19.20 -6.55
CA ILE B 318 -25.89 18.45 -7.68
C ILE B 318 -25.96 16.95 -7.40
N GLN B 319 -25.15 16.47 -6.45
CA GLN B 319 -25.27 15.10 -5.95
C GLN B 319 -26.01 15.15 -4.62
N ASP B 320 -26.68 14.07 -4.27
CA ASP B 320 -27.35 13.99 -2.98
C ASP B 320 -26.33 14.14 -1.84
N TYR B 321 -26.83 14.48 -0.65
CA TYR B 321 -26.04 14.42 0.57
C TYR B 321 -25.39 13.04 0.76
N ASP B 322 -26.22 12.01 0.80
CA ASP B 322 -25.74 10.62 0.97
C ASP B 322 -24.67 10.25 -0.04
N ALA B 323 -24.94 10.57 -1.31
CA ALA B 323 -24.00 10.30 -2.40
C ALA B 323 -22.68 11.07 -2.23
N PHE B 324 -22.67 12.10 -1.39
CA PHE B 324 -21.42 12.66 -0.90
C PHE B 324 -20.86 11.82 0.25
N CYS B 325 -21.69 11.53 1.25
CA CYS B 325 -21.29 10.67 2.37
C CYS B 325 -20.61 9.38 1.92
N ASP B 326 -21.12 8.77 0.87
CA ASP B 326 -20.48 7.59 0.32
C ASP B 326 -19.15 7.95 -0.29
N PHE B 327 -19.12 9.00 -1.12
CA PHE B 327 -17.91 9.47 -1.83
C PHE B 327 -16.78 9.87 -0.88
N ILE B 328 -17.13 10.44 0.26
CA ILE B 328 -16.14 10.89 1.24
C ILE B 328 -15.88 9.86 2.36
N GLU B 329 -16.51 8.68 2.31
CA GLU B 329 -16.44 7.78 3.45
C GLU B 329 -15.06 7.16 3.59
N PHE B 330 -14.58 7.10 4.82
CA PHE B 330 -13.31 6.47 5.13
C PHE B 330 -13.59 5.03 5.52
N LYS B 331 -13.07 4.11 4.70
CA LYS B 331 -13.20 2.67 4.87
C LYS B 331 -11.90 2.06 5.40
N HIS B 332 -11.97 1.44 6.57
CA HIS B 332 -10.92 0.51 6.97
C HIS B 332 -11.41 -0.64 7.84
N GLU B 333 -11.19 -1.86 7.35
CA GLU B 333 -11.61 -3.07 8.04
C GLU B 333 -10.86 -3.34 9.35
N ASN B 334 -9.63 -2.83 9.46
CA ASN B 334 -8.76 -3.10 10.63
C ASN B 334 -9.01 -2.14 11.81
N ILE B 335 -10.06 -1.32 11.71
CA ILE B 335 -10.52 -0.46 12.81
C ILE B 335 -11.98 -0.80 13.12
N ILE B 336 -12.27 -1.02 14.39
CA ILE B 336 -13.64 -1.23 14.83
C ILE B 336 -14.14 0.16 15.18
N MET B 337 -14.95 0.74 14.30
CA MET B 337 -15.20 2.16 14.32
C MET B 337 -16.10 2.59 15.50
N ASN B 338 -15.68 3.66 16.18
CA ASN B 338 -16.53 4.40 17.13
C ASN B 338 -17.17 3.46 18.13
N THR B 339 -16.33 2.84 18.95
CA THR B 339 -16.75 1.89 19.97
C THR B 339 -17.36 2.49 21.25
N SER B 340 -17.37 3.84 21.36
CA SER B 340 -18.05 4.53 22.45
C SER B 340 -19.57 4.39 22.43
N SER B 341 -20.15 4.12 21.26
CA SER B 341 -21.61 3.86 21.21
C SER B 341 -22.01 2.58 21.96
N LEU B 342 -21.02 1.75 22.31
CA LEU B 342 -21.22 0.53 23.08
C LEU B 342 -20.56 0.60 24.45
N ARG C . 25.06 -11.10 -13.12
CA ARG C . 24.86 -10.26 -14.37
C ARG C . 26.09 -9.40 -14.67
O ARG C . 26.06 -8.16 -14.68
CB ARG C . 23.60 -9.36 -14.28
CG ARG C . 22.31 -9.98 -14.78
CD ARG C . 22.00 -11.27 -14.05
NE ARG C . 20.67 -11.75 -14.26
CZ ARG C . 19.57 -11.34 -13.63
NH1 ARG C . 19.59 -10.36 -12.71
NH2 ARG C . 18.42 -11.89 -13.94
OXT ARG C . 27.17 -9.96 -14.90
MN MN D . 22.44 -12.08 -10.23
N1 UDP E . 20.08 -20.47 -9.78
C2 UDP E . 19.70 -21.77 -9.36
N3 UDP E . 20.62 -22.72 -9.22
C4 UDP E . 21.90 -22.46 -9.50
C5 UDP E . 22.32 -21.20 -9.90
C6 UDP E . 21.37 -20.20 -10.04
O2 UDP E . 18.50 -22.04 -9.10
O4 UDP E . 22.75 -23.34 -9.38
C1' UDP E . 19.09 -19.41 -9.92
C2' UDP E . 18.64 -18.92 -8.57
O2' UDP E . 17.21 -18.80 -8.56
C3' UDP E . 19.25 -17.56 -8.46
C4' UDP E . 19.27 -17.09 -9.90
O4' UDP E . 19.59 -18.29 -10.63
O3' UDP E . 18.48 -16.72 -7.60
C5' UDP E . 20.28 -15.96 -10.15
O5' UDP E . 21.60 -16.50 -10.30
PA UDP E . 22.93 -15.61 -10.10
O1A UDP E . 22.54 -14.23 -9.62
O2A UDP E . 23.86 -16.42 -9.24
O3A UDP E . 23.53 -15.62 -11.62
PB UDP E . 23.24 -14.51 -12.76
O1B UDP E . 22.94 -13.22 -12.05
O2B UDP E . 24.58 -14.58 -13.45
O3B UDP E . 22.07 -14.97 -13.58
N ARG F . -21.31 7.89 20.15
CA ARG F . -22.35 8.11 19.08
C ARG F . -23.63 7.32 19.36
O ARG F . -24.25 7.54 20.39
CB ARG F . -21.81 7.77 17.67
CG ARG F . -21.17 8.92 16.92
CD ARG F . -20.03 9.54 17.68
NE ARG F . -19.23 10.45 16.88
CZ ARG F . -18.26 10.09 16.03
NH1 ARG F . -17.62 11.04 15.39
NH2 ARG F . -17.93 8.81 15.82
OXT ARG F . -24.07 6.45 18.57
MN MN G . -17.42 7.60 19.88
N1 UDP H . -12.85 14.21 23.50
C2 UDP H . -11.90 15.04 24.16
N3 UDP H . -12.07 15.35 25.44
C4 UDP H . -13.14 14.89 26.12
C5 UDP H . -14.09 14.08 25.50
C6 UDP H . -13.91 13.74 24.17
O2 UDP H . -10.90 15.48 23.55
O4 UDP H . -13.30 15.17 27.30
C1' UDP H . -12.67 13.87 22.10
C2' UDP H . -11.59 12.84 21.92
O2' UDP H . -10.75 13.25 20.83
C3' UDP H . -12.33 11.59 21.54
C4' UDP H . -13.54 12.14 20.79
O4' UDP H . -13.86 13.33 21.52
O3' UDP H . -11.52 10.73 20.72
C5' UDP H . -14.71 11.15 20.72
O5' UDP H . -15.45 11.18 21.94
PA UDP H . -16.42 9.96 22.36
O1A UDP H . -16.15 9.62 23.82
O2A UDP H . -16.24 8.83 21.36
O3A UDP H . -17.89 10.66 22.32
PB UDP H . -18.86 10.67 21.03
O1B UDP H . -20.17 10.63 21.77
O2B UDP H . -18.53 9.47 20.19
O3B UDP H . -18.60 11.94 20.25
#